data_7KZ0
#
_entry.id   7KZ0
#
_cell.length_a   41.361
_cell.length_b   56.860
_cell.length_c   105.416
_cell.angle_alpha   90.000
_cell.angle_beta   90.000
_cell.angle_gamma   90.000
#
_symmetry.space_group_name_H-M   'P 21 21 21'
#
loop_
_entity.id
_entity.type
_entity.pdbx_description
1 polymer 'Methyl-CpG-binding domain protein 4'
2 polymer "DNA (5'-D(*CP*CP*AP*GP*CP*GP*(P2U)P*GP*CP*AP*GP*C)-3')"
3 polymer "DNA (5'-D(*GP*CP*TP*GP*CP*GP*CP*GP*CP*TP*GP*G)-3')"
4 non-polymer GLYCEROL
5 non-polymer 'POTASSIUM ION'
6 water water
#
loop_
_entity_poly.entity_id
_entity_poly.type
_entity_poly.pdbx_seq_one_letter_code
_entity_poly.pdbx_strand_id
1 'polypeptide(L)'
;MGSSHHHHHHSSGLVPRGSALSPPRRKAFKKWTPPRSPFNLVQETLFHDPWKLLIATIFLNRTSGKMAIPVLWKFLEKYP
SAEVARTADWRDVSELLKPLGLYDLRAKTIVKFSDEYLTKQWKYPIELHGIGKYGNDSYRIFCVNEWKQVHPEDHKLNKY
HDWLWENHEKLSLS
;
A
2 'polydeoxyribonucleotide' (DC)(DC)(DA)(DG)(DC)(DG)(P2U)(DG)(DC)(DA)(DG)(DC) C
3 'polydeoxyribonucleotide' (DG)(DC)(DT)(DG)(DC)(DG)(DC)(DG)(DC)(DT)(DG)(DG) D
#
loop_
_chem_comp.id
_chem_comp.type
_chem_comp.name
_chem_comp.formula
DA DNA linking 2'-DEOXYADENOSINE-5'-MONOPHOSPHATE 'C10 H14 N5 O6 P'
DC DNA linking 2'-DEOXYCYTIDINE-5'-MONOPHOSPHATE 'C9 H14 N3 O7 P'
DG DNA linking 2'-DEOXYGUANOSINE-5'-MONOPHOSPHATE 'C10 H14 N5 O7 P'
DT DNA linking THYMIDINE-5'-MONOPHOSPHATE 'C10 H15 N2 O8 P'
GOL non-polymer GLYCEROL 'C3 H8 O3'
K non-polymer 'POTASSIUM ION' 'K 1'
P2U DNA linking 2'-DEOXY-PSEUDOURIDINE-5'MONOPHOSPHATE 'C9 H13 N2 O8 P'
#
# COMPACT_ATOMS: atom_id res chain seq x y z
N LYS A 31 11.29 6.36 16.21
CA LYS A 31 10.21 5.96 15.31
C LYS A 31 10.80 5.46 13.98
N TRP A 32 10.18 4.43 13.41
CA TRP A 32 10.68 3.82 12.18
C TRP A 32 10.31 4.69 10.99
N THR A 33 11.32 5.24 10.32
CA THR A 33 11.13 5.90 9.04
C THR A 33 11.88 5.09 8.00
N PRO A 34 11.20 4.43 7.06
CA PRO A 34 11.91 3.72 6.00
C PRO A 34 12.63 4.70 5.09
N PRO A 35 13.85 4.38 4.67
CA PRO A 35 14.62 5.35 3.87
C PRO A 35 14.13 5.44 2.43
N ARG A 36 14.32 6.62 1.83
CA ARG A 36 14.13 6.78 0.40
C ARG A 36 15.18 5.97 -0.34
N SER A 37 14.80 5.42 -1.48
CA SER A 37 15.72 4.62 -2.26
C SER A 37 15.87 5.20 -3.65
N PRO A 38 16.89 4.76 -4.39
CA PRO A 38 17.01 5.16 -5.80
C PRO A 38 15.91 4.59 -6.68
N PHE A 39 15.01 3.77 -6.14
CA PHE A 39 13.95 3.17 -6.92
C PHE A 39 12.61 3.88 -6.76
N ASN A 40 12.50 4.81 -5.80
CA ASN A 40 11.32 5.67 -5.64
C ASN A 40 10.02 4.88 -5.61
N LEU A 41 9.95 3.87 -4.73
CA LEU A 41 8.68 3.20 -4.50
C LEU A 41 7.73 4.17 -3.81
N VAL A 42 6.46 4.18 -4.25
CA VAL A 42 5.51 5.11 -3.66
C VAL A 42 5.32 4.81 -2.17
N GLN A 43 5.55 3.56 -1.74
CA GLN A 43 5.48 3.24 -0.32
C GLN A 43 6.42 4.09 0.52
N GLU A 44 7.54 4.52 -0.06
CA GLU A 44 8.49 5.35 0.69
C GLU A 44 7.88 6.66 1.15
N THR A 45 6.87 7.18 0.44
CA THR A 45 6.27 8.44 0.83
C THR A 45 4.97 8.27 1.61
N LEU A 46 4.34 7.10 1.53
CA LEU A 46 3.04 6.87 2.15
C LEU A 46 3.13 6.14 3.49
N PHE A 47 4.33 5.76 3.93
CA PHE A 47 4.49 4.84 5.05
C PHE A 47 3.82 5.36 6.31
N HIS A 48 3.69 6.68 6.44
CA HIS A 48 3.23 7.29 7.67
C HIS A 48 1.77 6.99 7.93
N ASP A 49 1.01 6.65 6.89
CA ASP A 49 -0.43 6.38 7.01
C ASP A 49 -0.66 4.99 6.47
N PRO A 50 -0.75 3.96 7.32
CA PRO A 50 -0.84 2.59 6.77
C PRO A 50 -2.04 2.38 5.87
N TRP A 51 -3.20 3.00 6.17
CA TRP A 51 -4.33 2.84 5.26
C TRP A 51 -3.99 3.37 3.88
N LYS A 52 -3.37 4.55 3.80
CA LYS A 52 -3.05 5.11 2.50
C LYS A 52 -2.03 4.26 1.77
N LEU A 53 -1.03 3.74 2.49
CA LEU A 53 -0.06 2.85 1.86
C LEU A 53 -0.75 1.61 1.31
N LEU A 54 -1.67 1.02 2.08
CA LEU A 54 -2.30 -0.21 1.61
C LEU A 54 -3.24 0.07 0.44
N ILE A 55 -3.96 1.20 0.48
CA ILE A 55 -4.74 1.60 -0.70
C ILE A 55 -3.83 1.72 -1.92
N ALA A 56 -2.64 2.28 -1.74
CA ALA A 56 -1.71 2.38 -2.86
C ALA A 56 -1.33 0.99 -3.41
N THR A 57 -1.10 0.01 -2.52
CA THR A 57 -0.78 -1.33 -3.04
C THR A 57 -1.93 -1.88 -3.86
N ILE A 58 -3.17 -1.59 -3.45
CA ILE A 58 -4.32 -2.05 -4.20
C ILE A 58 -4.35 -1.37 -5.57
N PHE A 59 -4.05 -0.07 -5.61
CA PHE A 59 -4.01 0.67 -6.87
C PHE A 59 -2.96 0.12 -7.82
N LEU A 60 -1.90 -0.52 -7.29
CA LEU A 60 -0.81 -1.04 -8.08
C LEU A 60 -0.98 -2.52 -8.44
N ASN A 61 -2.08 -3.16 -8.05
CA ASN A 61 -2.35 -4.54 -8.46
C ASN A 61 -2.42 -4.62 -9.98
N ARG A 62 -1.41 -5.20 -10.63
CA ARG A 62 -1.39 -5.39 -12.09
C ARG A 62 -1.74 -4.10 -12.84
N THR A 63 -1.18 -2.99 -12.38
CA THR A 63 -1.44 -1.67 -12.94
C THR A 63 -0.16 -0.86 -12.83
N SER A 64 0.24 -0.21 -13.91
CA SER A 64 1.50 0.53 -13.85
C SER A 64 1.37 1.72 -12.89
N GLY A 65 2.43 1.97 -12.12
CA GLY A 65 2.46 3.14 -11.26
C GLY A 65 2.29 4.44 -12.00
N LYS A 66 2.79 4.52 -13.23
CA LYS A 66 2.66 5.75 -14.01
C LYS A 66 1.20 6.15 -14.19
N MET A 67 0.30 5.18 -14.31
CA MET A 67 -1.11 5.51 -14.44
C MET A 67 -1.82 5.50 -13.10
N ALA A 68 -1.45 4.60 -12.20
CA ALA A 68 -2.21 4.42 -10.98
C ALA A 68 -2.01 5.57 -10.01
N ILE A 69 -0.78 6.05 -9.85
CA ILE A 69 -0.47 6.98 -8.77
C ILE A 69 -1.13 8.34 -8.99
N PRO A 70 -1.20 8.88 -10.21
CA PRO A 70 -2.01 10.10 -10.39
C PRO A 70 -3.45 9.93 -9.97
N VAL A 71 -4.05 8.78 -10.27
CA VAL A 71 -5.44 8.55 -9.85
C VAL A 71 -5.52 8.41 -8.34
N LEU A 72 -4.50 7.82 -7.71
CA LEU A 72 -4.48 7.69 -6.25
C LEU A 72 -4.71 9.03 -5.56
N TRP A 73 -4.07 10.10 -6.04
CA TRP A 73 -4.22 11.41 -5.41
C TRP A 73 -5.64 11.93 -5.55
N LYS A 74 -6.28 11.67 -6.68
CA LYS A 74 -7.67 12.09 -6.84
C LYS A 74 -8.59 11.29 -5.93
N PHE A 75 -8.30 10.00 -5.77
CA PHE A 75 -9.08 9.16 -4.86
C PHE A 75 -8.94 9.67 -3.42
N LEU A 76 -7.71 9.94 -2.99
CA LEU A 76 -7.51 10.40 -1.61
C LEU A 76 -8.04 11.81 -1.37
N GLU A 77 -8.16 12.63 -2.42
CA GLU A 77 -8.82 13.92 -2.27
C GLU A 77 -10.29 13.74 -1.95
N LYS A 78 -10.92 12.76 -2.60
CA LYS A 78 -12.35 12.48 -2.41
C LYS A 78 -12.60 11.65 -1.15
N TYR A 79 -11.70 10.71 -0.86
CA TYR A 79 -11.82 9.82 0.29
C TYR A 79 -10.56 9.92 1.11
N PRO A 80 -10.45 10.91 2.00
CA PRO A 80 -9.18 11.16 2.71
C PRO A 80 -8.87 10.16 3.80
N SER A 81 -9.77 9.22 4.10
CA SER A 81 -9.59 8.36 5.26
C SER A 81 -10.40 7.11 5.07
N ALA A 82 -10.02 6.06 5.81
CA ALA A 82 -10.83 4.85 5.83
C ALA A 82 -12.21 5.14 6.41
N GLU A 83 -12.28 6.07 7.36
CA GLU A 83 -13.54 6.41 8.01
C GLU A 83 -14.60 6.82 7.00
N VAL A 84 -14.21 7.58 5.98
CA VAL A 84 -15.15 7.95 4.93
C VAL A 84 -15.19 6.93 3.80
N ALA A 85 -14.07 6.27 3.48
CA ALA A 85 -14.07 5.35 2.37
C ALA A 85 -15.01 4.18 2.64
N ARG A 86 -15.10 3.73 3.89
CA ARG A 86 -15.98 2.61 4.19
C ARG A 86 -17.46 2.97 4.02
N THR A 87 -17.80 4.26 3.93
CA THR A 87 -19.17 4.69 3.66
C THR A 87 -19.44 4.95 2.19
N ALA A 88 -18.43 4.80 1.33
CA ALA A 88 -18.56 5.19 -0.07
C ALA A 88 -19.48 4.26 -0.85
N ASP A 89 -20.06 4.80 -1.92
CA ASP A 89 -20.71 4.02 -2.95
C ASP A 89 -19.64 3.45 -3.88
N TRP A 90 -19.53 2.13 -3.95
CA TRP A 90 -18.46 1.54 -4.77
C TRP A 90 -18.55 1.98 -6.22
N ARG A 91 -19.75 2.34 -6.69
CA ARG A 91 -19.89 2.81 -8.06
C ARG A 91 -19.15 4.13 -8.27
N ASP A 92 -19.15 5.01 -7.25
CA ASP A 92 -18.38 6.25 -7.37
C ASP A 92 -16.89 5.96 -7.43
N VAL A 93 -16.42 5.01 -6.63
CA VAL A 93 -15.01 4.66 -6.65
C VAL A 93 -14.62 4.07 -7.99
N SER A 94 -15.49 3.20 -8.54
CA SER A 94 -15.19 2.56 -9.81
C SER A 94 -15.09 3.58 -10.94
N GLU A 95 -15.87 4.67 -10.89
CA GLU A 95 -15.75 5.71 -11.91
C GLU A 95 -14.36 6.32 -11.92
N LEU A 96 -13.76 6.49 -10.74
CA LEU A 96 -12.39 6.98 -10.66
C LEU A 96 -11.39 5.95 -11.17
N LEU A 97 -11.64 4.66 -10.88
CA LEU A 97 -10.69 3.61 -11.23
C LEU A 97 -10.77 3.21 -12.69
N LYS A 98 -11.80 3.63 -13.41
CA LYS A 98 -12.07 3.13 -14.76
C LYS A 98 -10.84 3.12 -15.67
N PRO A 99 -10.07 4.19 -15.82
CA PRO A 99 -8.92 4.13 -16.74
C PRO A 99 -7.79 3.23 -16.26
N LEU A 100 -7.86 2.68 -15.05
CA LEU A 100 -6.83 1.77 -14.55
C LEU A 100 -7.15 0.30 -14.77
N GLY A 101 -8.34 -0.04 -15.26
CA GLY A 101 -8.76 -1.42 -15.32
C GLY A 101 -9.12 -1.93 -13.93
N LEU A 102 -9.67 -3.16 -13.89
CA LEU A 102 -10.03 -3.81 -12.63
C LEU A 102 -10.81 -2.85 -11.73
N TYR A 103 -11.74 -2.12 -12.34
CA TYR A 103 -12.36 -0.97 -11.68
C TYR A 103 -13.54 -1.35 -10.80
N ASP A 104 -14.39 -2.26 -11.24
CA ASP A 104 -15.48 -2.71 -10.37
C ASP A 104 -14.93 -3.58 -9.24
N LEU A 105 -14.03 -4.50 -9.59
CA LEU A 105 -13.39 -5.36 -8.61
C LEU A 105 -12.75 -4.56 -7.49
N ARG A 106 -11.86 -3.64 -7.86
CA ARG A 106 -11.09 -2.94 -6.83
C ARG A 106 -11.93 -1.91 -6.09
N ALA A 107 -12.96 -1.38 -6.74
CA ALA A 107 -13.83 -0.44 -6.04
C ALA A 107 -14.54 -1.12 -4.90
N LYS A 108 -15.10 -2.31 -5.16
CA LYS A 108 -15.72 -3.09 -4.09
C LYS A 108 -14.69 -3.49 -3.03
N THR A 109 -13.48 -3.85 -3.48
CA THR A 109 -12.43 -4.21 -2.53
C THR A 109 -12.11 -3.05 -1.60
N ILE A 110 -11.97 -1.85 -2.17
CA ILE A 110 -11.52 -0.70 -1.38
C ILE A 110 -12.52 -0.40 -0.27
N VAL A 111 -13.82 -0.48 -0.57
CA VAL A 111 -14.81 -0.16 0.46
C VAL A 111 -14.80 -1.21 1.57
N LYS A 112 -14.75 -2.49 1.20
CA LYS A 112 -14.74 -3.57 2.19
C LYS A 112 -13.44 -3.58 2.97
N PHE A 113 -12.30 -3.43 2.29
CA PHE A 113 -11.02 -3.27 2.95
C PHE A 113 -11.06 -2.13 3.97
N SER A 114 -11.61 -0.97 3.57
CA SER A 114 -11.61 0.17 4.48
C SER A 114 -12.50 -0.10 5.69
N ASP A 115 -13.62 -0.78 5.48
CA ASP A 115 -14.49 -1.19 6.58
C ASP A 115 -13.74 -2.09 7.56
N GLU A 116 -13.08 -3.14 7.04
CA GLU A 116 -12.39 -4.08 7.91
C GLU A 116 -11.19 -3.45 8.60
N TYR A 117 -10.43 -2.63 7.87
CA TYR A 117 -9.30 -1.91 8.46
C TYR A 117 -9.68 -1.23 9.77
N LEU A 118 -10.87 -0.64 9.82
CA LEU A 118 -11.30 0.10 11.00
C LEU A 118 -12.08 -0.74 12.01
N THR A 119 -12.82 -1.75 11.57
CA THR A 119 -13.78 -2.39 12.48
C THR A 119 -13.48 -3.85 12.79
N LYS A 120 -12.52 -4.46 12.12
CA LYS A 120 -12.08 -5.82 12.39
C LYS A 120 -10.77 -5.76 13.16
N GLN A 121 -10.64 -6.59 14.20
CA GLN A 121 -9.36 -6.66 14.90
C GLN A 121 -8.33 -7.33 14.00
N TRP A 122 -7.15 -6.70 13.85
CA TRP A 122 -6.12 -7.29 13.03
C TRP A 122 -4.74 -6.89 13.53
N LYS A 123 -3.78 -7.76 13.27
CA LYS A 123 -2.37 -7.57 13.58
C LYS A 123 -1.56 -7.25 12.33
N TYR A 124 -1.77 -8.00 11.26
CA TYR A 124 -1.20 -7.70 9.98
C TYR A 124 -2.31 -7.55 8.94
N PRO A 125 -2.13 -6.67 7.95
CA PRO A 125 -3.25 -6.36 7.05
C PRO A 125 -3.59 -7.48 6.07
N ILE A 126 -2.75 -8.51 5.95
CA ILE A 126 -3.13 -9.71 5.19
C ILE A 126 -4.37 -10.35 5.80
N GLU A 127 -4.69 -10.03 7.06
CA GLU A 127 -5.93 -10.52 7.64
C GLU A 127 -7.17 -9.82 7.07
N LEU A 128 -6.98 -8.81 6.22
CA LEU A 128 -8.06 -7.97 5.72
C LEU A 128 -8.32 -8.25 4.25
N HIS A 129 -9.59 -8.10 3.86
CA HIS A 129 -10.01 -8.33 2.48
CA HIS A 129 -10.00 -8.34 2.48
C HIS A 129 -9.29 -7.39 1.52
N GLY A 130 -8.65 -7.96 0.49
CA GLY A 130 -8.00 -7.18 -0.54
C GLY A 130 -6.49 -7.05 -0.40
N ILE A 131 -5.92 -7.45 0.73
CA ILE A 131 -4.49 -7.37 0.98
C ILE A 131 -3.95 -8.79 1.00
N GLY A 132 -3.00 -9.07 0.11
CA GLY A 132 -2.30 -10.35 0.13
C GLY A 132 -0.85 -10.20 0.56
N LYS A 133 0.00 -11.10 0.10
CA LYS A 133 1.39 -11.08 0.54
C LYS A 133 2.10 -9.80 0.10
N TYR A 134 1.79 -9.31 -1.11
CA TYR A 134 2.48 -8.11 -1.57
C TYR A 134 2.11 -6.89 -0.69
N GLY A 135 0.83 -6.69 -0.42
CA GLY A 135 0.45 -5.59 0.47
C GLY A 135 0.99 -5.78 1.87
N ASN A 136 0.99 -7.02 2.36
CA ASN A 136 1.45 -7.32 3.70
C ASN A 136 2.96 -7.10 3.82
N ASP A 137 3.74 -7.61 2.86
CA ASP A 137 5.18 -7.34 2.86
C ASP A 137 5.46 -5.84 2.82
N SER A 138 4.68 -5.11 2.02
CA SER A 138 4.81 -3.66 1.92
C SER A 138 4.59 -3.02 3.29
N TYR A 139 3.53 -3.44 3.99
CA TYR A 139 3.27 -2.93 5.33
C TYR A 139 4.40 -3.25 6.29
N ARG A 140 4.90 -4.48 6.24
CA ARG A 140 5.92 -4.91 7.19
C ARG A 140 7.29 -4.30 6.91
N ILE A 141 7.52 -3.81 5.70
CA ILE A 141 8.77 -3.12 5.39
C ILE A 141 8.68 -1.64 5.72
N PHE A 142 7.54 -1.02 5.39
CA PHE A 142 7.44 0.44 5.41
C PHE A 142 6.72 0.99 6.62
N CYS A 143 5.69 0.32 7.11
CA CYS A 143 4.87 0.88 8.16
C CYS A 143 5.35 0.51 9.54
N VAL A 144 5.89 -0.69 9.70
CA VAL A 144 6.46 -1.16 10.94
C VAL A 144 7.91 -1.56 10.65
N ASN A 145 8.71 -1.65 11.72
CA ASN A 145 10.14 -1.94 11.58
C ASN A 145 10.37 -3.45 11.59
N GLU A 146 9.87 -4.11 10.55
CA GLU A 146 10.02 -5.56 10.46
C GLU A 146 10.68 -6.00 9.16
N TRP A 147 11.36 -5.08 8.45
CA TRP A 147 11.89 -5.40 7.13
C TRP A 147 12.90 -6.54 7.16
N LYS A 148 13.61 -6.74 8.27
CA LYS A 148 14.59 -7.82 8.28
C LYS A 148 13.94 -9.20 8.29
N GLN A 149 12.65 -9.29 8.63
CA GLN A 149 11.95 -10.57 8.66
C GLN A 149 11.19 -10.86 7.37
N VAL A 150 11.11 -9.90 6.46
CA VAL A 150 10.28 -10.00 5.26
C VAL A 150 11.09 -10.65 4.16
N HIS A 151 10.44 -11.54 3.40
CA HIS A 151 11.04 -12.23 2.26
C HIS A 151 10.15 -11.98 1.04
N PRO A 152 10.31 -10.85 0.36
CA PRO A 152 9.35 -10.49 -0.69
C PRO A 152 9.46 -11.39 -1.90
N GLU A 153 8.35 -11.49 -2.61
CA GLU A 153 8.38 -12.03 -3.97
C GLU A 153 8.16 -10.98 -5.03
N ASP A 154 7.60 -9.83 -4.67
CA ASP A 154 7.43 -8.74 -5.61
C ASP A 154 8.79 -8.18 -6.03
N HIS A 155 8.95 -7.95 -7.33
CA HIS A 155 10.24 -7.50 -7.86
CA HIS A 155 10.24 -7.51 -7.85
C HIS A 155 10.65 -6.16 -7.27
N LYS A 156 9.73 -5.19 -7.23
CA LYS A 156 10.08 -3.87 -6.73
C LYS A 156 10.39 -3.90 -5.24
N LEU A 157 9.58 -4.64 -4.46
CA LEU A 157 9.92 -4.85 -3.06
C LEU A 157 11.28 -5.54 -2.91
N ASN A 158 11.59 -6.50 -3.79
CA ASN A 158 12.88 -7.16 -3.71
C ASN A 158 14.03 -6.19 -4.00
N LYS A 159 13.84 -5.30 -4.97
CA LYS A 159 14.87 -4.31 -5.24
C LYS A 159 15.12 -3.45 -4.01
N TYR A 160 14.05 -2.89 -3.44
CA TYR A 160 14.17 -2.04 -2.26
C TYR A 160 14.78 -2.82 -1.09
N HIS A 161 14.31 -4.04 -0.86
CA HIS A 161 14.70 -4.83 0.30
C HIS A 161 16.15 -5.29 0.19
N ASP A 162 16.58 -5.74 -0.99
CA ASP A 162 17.99 -6.04 -1.20
C ASP A 162 18.85 -4.79 -0.94
N TRP A 163 18.39 -3.66 -1.44
CA TRP A 163 19.16 -2.43 -1.29
C TRP A 163 19.24 -2.04 0.18
N LEU A 164 18.16 -2.26 0.93
CA LEU A 164 18.16 -1.95 2.35
C LEU A 164 19.19 -2.77 3.10
N TRP A 165 19.23 -4.09 2.85
CA TRP A 165 20.23 -4.92 3.50
C TRP A 165 21.65 -4.45 3.18
N GLU A 166 21.87 -3.94 1.97
CA GLU A 166 23.20 -3.53 1.59
C GLU A 166 23.59 -2.15 2.12
N ASN A 167 22.62 -1.37 2.60
CA ASN A 167 22.85 0.04 2.92
C ASN A 167 22.36 0.47 4.31
N HIS A 168 21.71 -0.40 5.07
CA HIS A 168 21.09 0.04 6.32
CA HIS A 168 21.09 0.04 6.32
C HIS A 168 22.13 0.50 7.33
N GLU A 169 23.31 -0.12 7.33
CA GLU A 169 24.39 0.31 8.23
C GLU A 169 24.84 1.73 7.88
N LYS A 170 25.06 2.00 6.59
CA LYS A 170 25.45 3.33 6.15
C LYS A 170 24.40 4.37 6.50
N LEU A 171 23.13 4.01 6.41
CA LEU A 171 22.05 4.93 6.77
C LEU A 171 21.80 5.00 8.27
N SER A 172 22.67 4.38 9.07
CA SER A 172 22.57 4.42 10.53
C SER A 172 21.21 3.93 11.00
N LEU A 173 20.73 2.84 10.42
CA LEU A 173 19.55 2.16 10.91
C LEU A 173 19.96 0.80 11.45
N SER A 174 19.23 0.34 12.46
CA SER A 174 19.52 -0.92 13.14
C SER A 174 19.56 -2.08 12.15
N1 P2U B 7 5.72 0.58 -7.95
C2 P2U B 7 5.81 1.08 -6.68
N3 P2U B 7 5.64 0.14 -5.70
C4 P2U B 7 5.37 -1.20 -5.87
C5 P2U B 7 5.25 -1.63 -7.25
C6 P2U B 7 5.44 -0.72 -8.23
O2 P2U B 7 6.01 2.26 -6.45
O4 P2U B 7 5.25 -1.94 -4.89
C1' P2U B 7 4.89 -3.06 -7.59
C2' P2U B 7 3.39 -3.42 -7.38
C3' P2U B 7 3.01 -4.13 -8.68
C4' P2U B 7 4.04 -3.62 -9.69
O3' P2U B 7 3.07 -5.54 -8.55
O4' P2U B 7 5.25 -3.37 -8.94
C5' P2U B 7 3.65 -2.38 -10.44
O5' P2U B 7 4.85 -2.03 -11.16
P P2U B 7 4.81 -1.28 -12.53
OP1 P2U B 7 4.56 0.21 -12.23
OP2 P2U B 7 6.16 -1.46 -13.18
C1 GOL D . -1.45 12.20 0.76
O1 GOL D . -2.79 11.91 1.12
C2 GOL D . -0.48 11.33 1.52
O2 GOL D . -0.65 11.51 2.93
C3 GOL D . 0.95 11.61 1.16
O3 GOL D . 1.83 10.72 1.81
K K E . -6.40 -10.88 2.85
C1 GOL F . -17.02 10.39 7.69
O1 GOL F . -16.90 11.75 7.30
C2 GOL F . -17.32 10.26 9.17
O2 GOL F . -18.50 11.01 9.48
C3 GOL F . -17.46 8.82 9.60
O3 GOL F . -17.63 8.72 11.01
C1 GOL G . -3.49 -16.35 -15.57
O1 GOL G . -2.12 -15.98 -15.53
C2 GOL G . -4.37 -15.22 -15.07
O2 GOL G . -5.75 -15.58 -15.20
C3 GOL G . -4.07 -14.85 -13.64
O3 GOL G . -2.78 -14.29 -13.47
#